data_6GXY
#
_entry.id   6GXY
#
_cell.length_a   39.630
_cell.length_b   96.009
_cell.length_c   48.276
_cell.angle_alpha   90.00
_cell.angle_beta   96.57
_cell.angle_gamma   90.00
#
_symmetry.space_group_name_H-M   'P 1 21 1'
#
loop_
_entity.id
_entity.type
_entity.pdbx_description
1 polymer Tryparedoxin
2 non-polymer 5-(4-fluorophenyl)-2-methyl-3~{H}-thieno[2,3-d]pyrimidin-4-one
3 water water
#
_entity_poly.entity_id   1
_entity_poly.type   'polypeptide(L)'
_entity_poly.pdbx_seq_one_letter_code
;GMGSGLAKYLPGATNLLSKSGEVSLGSLVGKTVFLYFSASWCPPCRGFTPVLAEFYEKHHVAKNFEVVLISWDENESDFH
DYYGKMPWLALPFDQRSTVSELGKTFGVESIPTLITINADTGAIIGTQARTRVIEDPDGANFPWPN
;
_entity_poly.pdbx_strand_id   A,B,C
#
loop_
_chem_comp.id
_chem_comp.type
_chem_comp.name
_chem_comp.formula
FFN non-polymer 5-(4-fluorophenyl)-2-methyl-3~{H}-thieno[2,3-d]pyrimidin-4-one 'C13 H9 F N2 O S'
#
# COMPACT_ATOMS: atom_id res chain seq x y z
N MET A 2 10.78 5.23 -34.11
CA MET A 2 11.99 4.63 -34.79
C MET A 2 11.67 3.21 -35.29
N GLY A 3 12.65 2.55 -35.92
CA GLY A 3 12.41 1.31 -36.66
C GLY A 3 12.17 0.01 -35.90
N SER A 4 12.66 -0.10 -34.67
CA SER A 4 12.62 -1.38 -33.94
C SER A 4 11.20 -1.79 -33.59
N GLY A 5 10.99 -3.09 -33.50
CA GLY A 5 9.69 -3.62 -33.14
C GLY A 5 9.32 -3.37 -31.69
N LEU A 6 10.29 -3.06 -30.84
CA LEU A 6 9.99 -2.57 -29.49
C LEU A 6 9.27 -1.22 -29.52
N ALA A 7 9.60 -0.35 -30.49
CA ALA A 7 8.89 0.93 -30.66
C ALA A 7 7.38 0.79 -30.90
N LYS A 8 6.92 -0.31 -31.50
CA LYS A 8 5.48 -0.52 -31.67
C LYS A 8 4.77 -0.64 -30.32
N TYR A 9 5.47 -1.17 -29.32
CA TYR A 9 4.92 -1.32 -27.96
C TYR A 9 5.16 -0.11 -27.06
N LEU A 10 6.23 0.65 -27.32
CA LEU A 10 6.59 1.79 -26.50
C LEU A 10 6.65 3.13 -27.29
N PRO A 11 5.56 3.50 -27.99
N PRO A 11 5.54 3.55 -27.92
CA PRO A 11 5.50 4.81 -28.61
CA PRO A 11 5.55 4.75 -28.77
C PRO A 11 5.17 5.81 -27.54
C PRO A 11 5.90 6.07 -28.06
N GLY A 12 6.07 6.74 -27.29
N GLY A 12 5.53 6.19 -26.78
CA GLY A 12 5.99 7.55 -26.08
CA GLY A 12 5.84 7.38 -25.97
C GLY A 12 7.28 7.43 -25.30
C GLY A 12 7.24 7.40 -25.36
N ALA A 13 7.90 6.24 -25.35
CA ALA A 13 9.26 6.09 -24.83
C ALA A 13 10.26 6.60 -25.84
N THR A 14 11.42 7.01 -25.35
CA THR A 14 12.60 7.15 -26.19
C THR A 14 13.64 6.21 -25.59
N ASN A 15 14.09 6.51 -24.36
CA ASN A 15 15.19 5.78 -23.78
C ASN A 15 14.73 4.94 -22.62
N LEU A 16 15.55 3.93 -22.31
CA LEU A 16 15.39 3.07 -21.17
C LEU A 16 16.51 3.41 -20.20
N LEU A 17 16.25 3.23 -18.91
CA LEU A 17 17.30 3.37 -17.90
C LEU A 17 18.25 2.19 -17.99
N SER A 18 19.53 2.42 -17.71
CA SER A 18 20.50 1.32 -17.50
C SER A 18 21.28 1.61 -16.21
N LYS A 19 22.17 0.70 -15.85
CA LYS A 19 23.04 0.94 -14.69
C LYS A 19 23.97 2.13 -14.90
N SER A 20 24.29 2.45 -16.15
CA SER A 20 25.18 3.58 -16.50
C SER A 20 24.50 4.62 -17.41
N GLY A 21 23.37 5.16 -16.99
CA GLY A 21 22.65 6.13 -17.81
C GLY A 21 21.86 5.50 -18.96
N GLU A 22 21.20 6.35 -19.73
CA GLU A 22 20.12 5.91 -20.59
C GLU A 22 20.63 5.27 -21.87
N VAL A 23 19.87 4.32 -22.37
CA VAL A 23 20.16 3.66 -23.65
C VAL A 23 18.93 3.69 -24.56
N SER A 24 19.18 3.77 -25.87
CA SER A 24 18.10 3.84 -26.84
C SER A 24 17.46 2.47 -27.04
N LEU A 25 16.24 2.47 -27.58
CA LEU A 25 15.61 1.22 -28.03
C LEU A 25 16.44 0.55 -29.13
N GLY A 26 16.99 1.36 -30.04
CA GLY A 26 17.87 0.87 -31.10
C GLY A 26 19.13 0.14 -30.64
N SER A 27 19.59 0.43 -29.41
CA SER A 27 20.76 -0.25 -28.84
C SER A 27 20.52 -1.75 -28.60
N LEU A 28 19.25 -2.15 -28.54
CA LEU A 28 18.84 -3.53 -28.36
C LEU A 28 18.68 -4.29 -29.67
N VAL A 29 19.15 -3.71 -30.79
CA VAL A 29 19.11 -4.36 -32.09
C VAL A 29 19.61 -5.81 -32.00
N GLY A 30 18.82 -6.72 -32.55
CA GLY A 30 19.19 -8.14 -32.65
C GLY A 30 19.03 -8.96 -31.39
N LYS A 31 18.59 -8.33 -30.30
CA LYS A 31 18.43 -8.99 -29.01
C LYS A 31 17.10 -9.70 -28.86
N THR A 32 17.11 -10.71 -28.00
CA THR A 32 15.89 -11.22 -27.35
C THR A 32 15.68 -10.31 -26.14
N VAL A 33 14.45 -9.84 -25.96
CA VAL A 33 14.17 -8.92 -24.86
C VAL A 33 13.07 -9.53 -24.01
N PHE A 34 13.30 -9.55 -22.70
CA PHE A 34 12.27 -9.94 -21.75
C PHE A 34 11.71 -8.68 -21.13
N LEU A 35 10.42 -8.49 -21.28
CA LEU A 35 9.70 -7.46 -20.55
C LEU A 35 9.30 -8.05 -19.20
N TYR A 36 9.79 -7.43 -18.13
CA TYR A 36 9.62 -7.96 -16.79
C TYR A 36 8.61 -7.10 -16.03
N PHE A 37 7.39 -7.59 -16.01
CA PHE A 37 6.28 -6.97 -15.30
C PHE A 37 6.39 -7.30 -13.81
N SER A 38 6.56 -6.27 -13.00
CA SER A 38 6.95 -6.43 -11.59
C SER A 38 6.54 -5.22 -10.75
N ALA A 39 6.73 -5.33 -9.45
CA ALA A 39 6.50 -4.22 -8.53
C ALA A 39 7.29 -4.46 -7.25
N SER A 40 7.80 -3.38 -6.67
CA SER A 40 8.72 -3.45 -5.53
C SER A 40 8.13 -4.09 -4.30
N TRP A 41 6.81 -3.95 -4.14
CA TRP A 41 6.08 -4.42 -2.94
C TRP A 41 5.39 -5.77 -3.14
N CYS A 42 5.47 -6.37 -4.32
N CYS A 42 5.48 -6.35 -4.34
CA CYS A 42 4.81 -7.63 -4.61
CA CYS A 42 4.86 -7.66 -4.63
C CYS A 42 5.69 -8.80 -4.14
C CYS A 42 5.76 -8.78 -4.10
N PRO A 43 5.28 -9.57 -3.11
CA PRO A 43 6.16 -10.64 -2.57
C PRO A 43 6.74 -11.64 -3.59
N PRO A 44 5.90 -12.26 -4.44
CA PRO A 44 6.54 -13.16 -5.40
C PRO A 44 7.54 -12.49 -6.34
N CYS A 45 7.37 -11.19 -6.63
CA CYS A 45 8.34 -10.43 -7.44
C CYS A 45 9.65 -10.25 -6.69
N ARG A 46 9.54 -9.89 -5.42
CA ARG A 46 10.71 -9.69 -4.58
C ARG A 46 11.53 -10.98 -4.47
N GLY A 47 10.86 -12.13 -4.49
CA GLY A 47 11.54 -13.44 -4.49
C GLY A 47 12.08 -13.88 -5.84
N PHE A 48 11.42 -13.44 -6.91
CA PHE A 48 11.84 -13.82 -8.25
C PHE A 48 12.98 -12.96 -8.81
N THR A 49 12.92 -11.65 -8.55
CA THR A 49 13.96 -10.72 -9.00
C THR A 49 15.43 -11.21 -8.77
N PRO A 50 15.78 -11.66 -7.54
CA PRO A 50 17.16 -12.15 -7.35
C PRO A 50 17.51 -13.40 -8.16
N VAL A 51 16.51 -14.24 -8.44
CA VAL A 51 16.68 -15.46 -9.26
C VAL A 51 16.93 -15.05 -10.71
N LEU A 52 16.09 -14.13 -11.21
CA LEU A 52 16.25 -13.61 -12.56
C LEU A 52 17.59 -12.89 -12.73
N ALA A 53 18.00 -12.16 -11.70
CA ALA A 53 19.34 -11.51 -11.68
C ALA A 53 20.48 -12.48 -11.86
N GLU A 54 20.42 -13.62 -11.18
CA GLU A 54 21.43 -14.67 -11.35
C GLU A 54 21.44 -15.22 -12.78
N PHE A 55 20.25 -15.54 -13.30
CA PHE A 55 20.08 -15.95 -14.68
C PHE A 55 20.68 -14.95 -15.66
N TYR A 56 20.32 -13.68 -15.49
CA TYR A 56 20.86 -12.57 -16.29
C TYR A 56 22.37 -12.52 -16.24
N GLU A 57 22.93 -12.55 -15.04
CA GLU A 57 24.38 -12.42 -14.87
C GLU A 57 25.14 -13.53 -15.59
N LYS A 58 24.61 -14.74 -15.55
N LYS A 58 24.63 -14.76 -15.55
CA LYS A 58 25.24 -15.90 -16.15
CA LYS A 58 25.29 -15.91 -16.19
C LYS A 58 25.12 -15.94 -17.69
C LYS A 58 25.15 -15.89 -17.71
N HIS A 59 23.95 -15.57 -18.20
CA HIS A 59 23.58 -15.83 -19.61
C HIS A 59 23.36 -14.65 -20.54
N HIS A 60 23.27 -13.41 -20.04
CA HIS A 60 22.77 -12.31 -20.89
C HIS A 60 23.66 -12.02 -22.10
N VAL A 61 24.97 -12.18 -21.93
CA VAL A 61 25.89 -12.01 -23.03
C VAL A 61 25.84 -13.23 -23.95
N ALA A 62 26.07 -14.41 -23.40
CA ALA A 62 26.20 -15.63 -24.22
C ALA A 62 24.93 -15.92 -25.00
N LYS A 63 23.77 -15.67 -24.38
CA LYS A 63 22.48 -15.92 -25.04
C LYS A 63 21.82 -14.65 -25.60
N ASN A 64 22.57 -13.54 -25.57
CA ASN A 64 22.23 -12.30 -26.28
C ASN A 64 20.80 -11.81 -25.97
N PHE A 65 20.55 -11.56 -24.70
CA PHE A 65 19.28 -10.99 -24.29
C PHE A 65 19.44 -9.83 -23.32
N GLU A 66 18.33 -9.13 -23.15
CA GLU A 66 18.24 -8.03 -22.20
C GLU A 66 16.91 -8.16 -21.46
N VAL A 67 16.83 -7.58 -20.26
CA VAL A 67 15.60 -7.55 -19.48
C VAL A 67 15.22 -6.09 -19.27
N VAL A 68 13.92 -5.80 -19.37
CA VAL A 68 13.42 -4.44 -19.19
C VAL A 68 12.36 -4.46 -18.10
N LEU A 69 12.65 -3.78 -17.00
CA LEU A 69 11.67 -3.63 -15.92
C LEU A 69 10.49 -2.78 -16.36
N ILE A 70 9.30 -3.32 -16.17
CA ILE A 70 8.04 -2.63 -16.40
C ILE A 70 7.35 -2.66 -15.04
N SER A 71 7.41 -1.55 -14.31
CA SER A 71 7.00 -1.55 -12.91
C SER A 71 5.62 -0.93 -12.66
N TRP A 72 4.86 -1.60 -11.79
CA TRP A 72 3.59 -1.05 -11.25
C TRP A 72 3.80 -0.02 -10.12
N ASP A 73 5.05 0.23 -9.71
CA ASP A 73 5.31 1.21 -8.66
C ASP A 73 4.79 2.61 -9.05
N GLU A 74 4.07 3.25 -8.12
CA GLU A 74 3.61 4.64 -8.25
CA GLU A 74 3.68 4.64 -8.32
C GLU A 74 4.44 5.60 -7.40
N ASN A 75 5.32 5.06 -6.55
CA ASN A 75 6.16 5.87 -5.69
C ASN A 75 7.59 5.88 -6.22
N GLU A 76 8.09 7.07 -6.52
CA GLU A 76 9.39 7.19 -7.19
C GLU A 76 10.55 6.66 -6.34
N SER A 77 10.51 6.87 -5.03
N SER A 77 10.51 6.87 -5.03
CA SER A 77 11.57 6.36 -4.14
CA SER A 77 11.54 6.34 -4.12
C SER A 77 11.60 4.82 -4.14
C SER A 77 11.61 4.82 -4.17
N ASP A 78 10.44 4.17 -4.13
CA ASP A 78 10.34 2.72 -4.26
C ASP A 78 10.91 2.26 -5.61
N PHE A 79 10.54 2.95 -6.68
CA PHE A 79 10.97 2.56 -8.02
C PHE A 79 12.50 2.53 -8.11
N HIS A 80 13.15 3.62 -7.69
CA HIS A 80 14.62 3.73 -7.87
C HIS A 80 15.37 2.71 -7.00
N ASP A 81 14.91 2.54 -5.77
CA ASP A 81 15.46 1.52 -4.87
C ASP A 81 15.34 0.09 -5.40
N TYR A 82 14.16 -0.27 -5.94
CA TYR A 82 13.88 -1.61 -6.46
C TYR A 82 14.68 -1.89 -7.72
N TYR A 83 14.66 -0.95 -8.66
CA TYR A 83 15.47 -1.06 -9.87
C TYR A 83 16.98 -1.05 -9.56
N GLY A 84 17.37 -0.36 -8.48
CA GLY A 84 18.71 -0.45 -7.93
C GLY A 84 19.21 -1.86 -7.58
N LYS A 85 18.29 -2.78 -7.30
CA LYS A 85 18.65 -4.19 -7.07
C LYS A 85 18.96 -4.97 -8.36
N MET A 86 18.66 -4.39 -9.54
CA MET A 86 18.61 -5.13 -10.78
C MET A 86 19.76 -4.75 -11.70
N PRO A 87 20.32 -5.72 -12.46
CA PRO A 87 21.45 -5.44 -13.37
C PRO A 87 21.09 -4.97 -14.79
N TRP A 88 19.81 -5.06 -15.12
CA TRP A 88 19.28 -4.88 -16.48
C TRP A 88 18.72 -3.45 -16.69
N LEU A 89 17.77 -3.29 -17.62
CA LEU A 89 17.24 -1.98 -18.02
C LEU A 89 15.88 -1.72 -17.38
N ALA A 90 15.37 -0.50 -17.53
CA ALA A 90 14.04 -0.17 -17.01
C ALA A 90 13.32 0.86 -17.87
N LEU A 91 12.02 0.63 -18.03
CA LEU A 91 11.14 1.64 -18.58
C LEU A 91 11.16 2.75 -17.53
N PRO A 92 11.50 4.00 -17.93
CA PRO A 92 11.67 5.06 -16.93
C PRO A 92 10.39 5.35 -16.13
N PHE A 93 10.55 5.84 -14.92
CA PHE A 93 9.43 6.17 -14.04
C PHE A 93 8.44 7.14 -14.68
N ASP A 94 8.92 8.11 -15.47
CA ASP A 94 8.03 9.03 -16.19
C ASP A 94 7.12 8.41 -17.27
N GLN A 95 7.34 7.14 -17.62
CA GLN A 95 6.47 6.37 -18.52
C GLN A 95 5.49 5.45 -17.81
N ARG A 96 5.44 5.50 -16.47
CA ARG A 96 4.63 4.54 -15.71
C ARG A 96 3.11 4.56 -16.00
N SER A 97 2.59 5.68 -16.50
CA SER A 97 1.17 5.73 -16.90
C SER A 97 0.83 4.76 -18.05
N THR A 98 1.84 4.28 -18.78
CA THR A 98 1.66 3.34 -19.89
C THR A 98 1.72 1.87 -19.48
N VAL A 99 2.09 1.58 -18.23
CA VAL A 99 2.29 0.21 -17.75
C VAL A 99 1.04 -0.67 -17.83
N SER A 100 -0.11 -0.14 -17.42
CA SER A 100 -1.35 -0.94 -17.49
C SER A 100 -1.70 -1.36 -18.92
N GLU A 101 -1.67 -0.43 -19.86
CA GLU A 101 -2.00 -0.75 -21.26
C GLU A 101 -1.00 -1.74 -21.87
N LEU A 102 0.28 -1.60 -21.51
N LEU A 102 0.28 -1.59 -21.52
CA LEU A 102 1.28 -2.57 -21.92
CA LEU A 102 1.31 -2.56 -21.88
C LEU A 102 0.95 -3.97 -21.37
C LEU A 102 0.96 -3.96 -21.37
N GLY A 103 0.57 -4.03 -20.10
CA GLY A 103 0.10 -5.28 -19.49
C GLY A 103 -1.08 -5.89 -20.23
N LYS A 104 -2.03 -5.05 -20.62
CA LYS A 104 -3.17 -5.49 -21.40
C LYS A 104 -2.81 -5.94 -22.81
N THR A 105 -1.82 -5.28 -23.42
CA THR A 105 -1.34 -5.70 -24.74
C THR A 105 -0.89 -7.17 -24.77
N PHE A 106 -0.22 -7.60 -23.71
CA PHE A 106 0.34 -8.97 -23.61
C PHE A 106 -0.48 -9.95 -22.77
N GLY A 107 -1.64 -9.52 -22.30
CA GLY A 107 -2.51 -10.34 -21.47
C GLY A 107 -1.89 -10.69 -20.14
N VAL A 108 -1.14 -9.76 -19.56
CA VAL A 108 -0.55 -9.92 -18.22
C VAL A 108 -1.68 -9.87 -17.20
N GLU A 109 -1.91 -10.99 -16.52
N GLU A 109 -1.92 -10.98 -16.49
CA GLU A 109 -2.99 -11.12 -15.51
CA GLU A 109 -2.98 -11.06 -15.49
C GLU A 109 -2.49 -11.16 -14.06
C GLU A 109 -2.49 -11.19 -14.05
N SER A 110 -1.18 -11.29 -13.87
CA SER A 110 -0.57 -11.21 -12.55
C SER A 110 0.91 -10.91 -12.77
N ILE A 111 1.61 -10.64 -11.67
CA ILE A 111 3.07 -10.49 -11.70
C ILE A 111 3.66 -11.35 -10.57
N PRO A 112 4.94 -11.74 -10.66
CA PRO A 112 5.86 -11.47 -11.74
C PRO A 112 5.52 -12.18 -13.06
N THR A 113 5.70 -11.49 -14.18
CA THR A 113 5.55 -12.12 -15.48
C THR A 113 6.66 -11.60 -16.40
N LEU A 114 7.22 -12.52 -17.18
CA LEU A 114 8.13 -12.18 -18.28
C LEU A 114 7.44 -12.40 -19.63
N ILE A 115 7.53 -11.42 -20.52
CA ILE A 115 7.08 -11.58 -21.90
C ILE A 115 8.32 -11.51 -22.79
N THR A 116 8.51 -12.52 -23.63
CA THR A 116 9.73 -12.61 -24.44
C THR A 116 9.44 -12.07 -25.81
N ILE A 117 10.27 -11.15 -26.29
N ILE A 117 10.28 -11.13 -26.24
CA ILE A 117 10.04 -10.52 -27.59
CA ILE A 117 10.10 -10.37 -27.45
C ILE A 117 11.36 -10.47 -28.38
C ILE A 117 11.35 -10.48 -28.30
N ASN A 118 11.25 -10.69 -29.69
N ASN A 118 11.16 -10.53 -29.61
CA ASN A 118 12.29 -10.36 -30.64
CA ASN A 118 12.26 -10.36 -30.53
C ASN A 118 12.29 -8.85 -30.79
C ASN A 118 12.32 -8.87 -30.84
N ALA A 119 13.40 -8.21 -30.41
CA ALA A 119 13.48 -6.71 -30.45
C ALA A 119 13.26 -6.12 -31.83
N ASP A 120 13.83 -6.76 -32.84
CA ASP A 120 13.82 -6.22 -34.19
C ASP A 120 12.43 -6.23 -34.81
N THR A 121 11.73 -7.35 -34.68
CA THR A 121 10.42 -7.53 -35.29
C THR A 121 9.27 -7.25 -34.33
N GLY A 122 9.57 -7.19 -33.04
CA GLY A 122 8.56 -7.12 -31.99
C GLY A 122 7.73 -8.37 -31.80
N ALA A 123 8.11 -9.48 -32.44
CA ALA A 123 7.31 -10.69 -32.36
C ALA A 123 7.32 -11.21 -30.93
N ILE A 124 6.17 -11.69 -30.46
CA ILE A 124 6.12 -12.37 -29.16
C ILE A 124 6.63 -13.78 -29.42
N ILE A 125 7.64 -14.19 -28.68
CA ILE A 125 8.17 -15.55 -28.79
C ILE A 125 7.97 -16.40 -27.53
N GLY A 126 7.45 -15.81 -26.46
CA GLY A 126 7.03 -16.58 -25.31
C GLY A 126 6.34 -15.73 -24.26
N THR A 127 5.54 -16.37 -23.43
CA THR A 127 4.93 -15.71 -22.28
C THR A 127 5.20 -16.40 -20.93
N GLN A 128 5.94 -17.51 -20.96
N GLN A 128 5.93 -17.51 -20.93
CA GLN A 128 6.13 -18.37 -19.78
CA GLN A 128 6.12 -18.32 -19.72
C GLN A 128 7.56 -18.37 -19.22
C GLN A 128 7.56 -18.38 -19.23
N ALA A 129 8.39 -17.40 -19.63
CA ALA A 129 9.80 -17.39 -19.21
C ALA A 129 10.02 -17.29 -17.68
N ARG A 130 9.11 -16.65 -16.96
N ARG A 130 9.10 -16.68 -16.95
CA ARG A 130 9.15 -16.63 -15.48
CA ARG A 130 9.16 -16.64 -15.49
C ARG A 130 9.19 -18.05 -14.90
C ARG A 130 9.24 -18.09 -14.96
N THR A 131 8.43 -18.95 -15.54
N THR A 131 8.39 -18.95 -15.51
CA THR A 131 8.40 -20.37 -15.18
CA THR A 131 8.39 -20.37 -15.17
C THR A 131 9.64 -21.11 -15.68
C THR A 131 9.62 -21.13 -15.68
N ARG A 132 10.02 -20.85 -16.92
CA ARG A 132 11.15 -21.56 -17.55
C ARG A 132 12.48 -21.29 -16.83
N VAL A 133 12.64 -20.08 -16.30
CA VAL A 133 13.83 -19.71 -15.50
C VAL A 133 13.95 -20.61 -14.26
N ILE A 134 12.81 -20.96 -13.66
N ILE A 134 12.82 -20.98 -13.66
CA ILE A 134 12.78 -21.85 -12.50
CA ILE A 134 12.82 -21.88 -12.50
C ILE A 134 13.23 -23.27 -12.85
C ILE A 134 13.27 -23.27 -12.88
N GLU A 135 12.63 -23.83 -13.90
CA GLU A 135 12.91 -25.20 -14.29
C GLU A 135 14.23 -25.39 -15.03
N ASP A 136 14.67 -24.34 -15.72
CA ASP A 136 15.84 -24.39 -16.60
C ASP A 136 16.78 -23.21 -16.27
N PRO A 137 17.36 -23.21 -15.07
CA PRO A 137 18.21 -22.07 -14.68
C PRO A 137 19.50 -21.96 -15.49
N ASP A 138 19.95 -23.04 -16.11
CA ASP A 138 21.11 -23.00 -17.01
C ASP A 138 20.74 -22.63 -18.46
N GLY A 139 19.47 -22.41 -18.73
CA GLY A 139 19.03 -21.93 -20.03
C GLY A 139 19.34 -22.85 -21.19
N ALA A 140 19.41 -24.16 -20.94
CA ALA A 140 19.62 -25.16 -22.00
C ALA A 140 18.61 -25.04 -23.14
N ASN A 141 17.36 -24.71 -22.80
CA ASN A 141 16.28 -24.58 -23.80
C ASN A 141 15.88 -23.13 -24.11
N PHE A 142 16.66 -22.17 -23.64
CA PHE A 142 16.45 -20.74 -23.97
C PHE A 142 16.41 -20.59 -25.51
N PRO A 143 15.54 -19.75 -26.07
CA PRO A 143 14.59 -18.84 -25.38
C PRO A 143 13.19 -19.45 -25.16
N TRP A 144 13.15 -20.77 -25.03
CA TRP A 144 12.00 -21.53 -24.58
C TRP A 144 10.82 -21.37 -25.53
N PRO A 145 11.02 -21.82 -26.79
CA PRO A 145 9.90 -21.92 -27.71
C PRO A 145 8.92 -23.03 -27.30
N ASN A 146 9.44 -24.09 -26.66
CA ASN A 146 8.68 -25.30 -26.32
C ASN A 146 8.15 -26.05 -27.56
N GLY B 1 -30.87 -24.06 6.04
CA GLY B 1 -30.14 -23.33 4.94
C GLY B 1 -30.95 -22.17 4.40
N MET B 2 -30.26 -21.07 4.08
CA MET B 2 -30.87 -19.89 3.44
C MET B 2 -30.05 -19.56 2.21
N GLY B 3 -30.71 -19.27 1.09
CA GLY B 3 -30.02 -18.79 -0.11
C GLY B 3 -29.36 -17.41 0.01
N SER B 4 -28.62 -17.02 -1.01
CA SER B 4 -28.02 -15.70 -1.10
C SER B 4 -27.80 -15.27 -2.56
N GLY B 5 -28.15 -14.03 -2.87
CA GLY B 5 -27.79 -13.42 -4.15
C GLY B 5 -26.29 -13.25 -4.39
N LEU B 6 -25.50 -13.22 -3.32
CA LEU B 6 -24.02 -13.21 -3.45
C LEU B 6 -23.48 -14.46 -4.15
N ALA B 7 -24.22 -15.57 -4.06
CA ALA B 7 -23.88 -16.80 -4.78
C ALA B 7 -23.90 -16.68 -6.32
N LYS B 8 -24.49 -15.61 -6.84
CA LYS B 8 -24.39 -15.27 -8.26
C LYS B 8 -22.92 -15.14 -8.68
N TYR B 9 -22.12 -14.52 -7.81
CA TYR B 9 -20.70 -14.24 -8.07
C TYR B 9 -19.72 -15.06 -7.23
N LEU B 10 -20.20 -15.64 -6.13
CA LEU B 10 -19.42 -16.52 -5.29
C LEU B 10 -20.10 -17.90 -5.24
N PRO B 11 -20.29 -18.57 -6.41
CA PRO B 11 -20.92 -19.91 -6.40
C PRO B 11 -20.10 -20.99 -5.71
N GLY B 12 -18.78 -20.81 -5.66
CA GLY B 12 -17.87 -21.68 -4.93
C GLY B 12 -17.76 -21.37 -3.46
N ALA B 13 -18.24 -20.19 -3.03
CA ALA B 13 -18.18 -19.79 -1.61
C ALA B 13 -19.42 -20.18 -0.85
N THR B 14 -19.21 -20.63 0.38
CA THR B 14 -20.27 -20.87 1.34
C THR B 14 -20.07 -20.03 2.59
N ASN B 15 -18.96 -20.25 3.30
CA ASN B 15 -18.70 -19.51 4.53
C ASN B 15 -17.79 -18.30 4.30
N LEU B 16 -17.99 -17.27 5.11
CA LEU B 16 -17.08 -16.14 5.16
C LEU B 16 -16.40 -16.14 6.53
N LEU B 17 -15.15 -15.71 6.54
CA LEU B 17 -14.45 -15.49 7.80
C LEU B 17 -15.09 -14.29 8.48
N SER B 18 -15.22 -14.37 9.79
CA SER B 18 -15.79 -13.28 10.58
C SER B 18 -15.10 -13.20 11.92
N LYS B 19 -15.40 -12.14 12.66
CA LYS B 19 -14.89 -11.96 14.02
C LYS B 19 -15.61 -12.81 15.06
N SER B 20 -16.74 -13.42 14.68
CA SER B 20 -17.53 -14.30 15.55
C SER B 20 -17.35 -15.77 15.18
N GLY B 21 -16.52 -16.06 14.18
CA GLY B 21 -16.29 -17.42 13.70
C GLY B 21 -16.42 -17.46 12.19
N GLU B 22 -17.49 -18.10 11.73
CA GLU B 22 -17.86 -18.12 10.31
C GLU B 22 -19.30 -17.62 10.17
N VAL B 23 -19.59 -17.00 9.03
CA VAL B 23 -20.97 -16.60 8.71
C VAL B 23 -21.27 -17.06 7.29
N SER B 24 -22.48 -17.59 7.11
CA SER B 24 -22.96 -18.00 5.80
C SER B 24 -23.27 -16.78 4.94
N LEU B 25 -23.28 -16.96 3.63
CA LEU B 25 -23.76 -15.91 2.74
C LEU B 25 -25.22 -15.54 3.08
N GLY B 26 -26.03 -16.56 3.34
CA GLY B 26 -27.42 -16.37 3.76
C GLY B 26 -27.65 -15.46 4.97
N SER B 27 -26.70 -15.43 5.90
N SER B 27 -26.69 -15.44 5.88
CA SER B 27 -26.81 -14.57 7.07
CA SER B 27 -26.74 -14.57 7.06
C SER B 27 -26.78 -13.06 6.74
C SER B 27 -26.81 -13.07 6.72
N LEU B 28 -26.37 -12.71 5.52
CA LEU B 28 -26.36 -11.31 5.04
C LEU B 28 -27.65 -10.90 4.32
N VAL B 29 -28.70 -11.72 4.42
CA VAL B 29 -30.00 -11.40 3.85
C VAL B 29 -30.42 -9.98 4.22
N GLY B 30 -30.89 -9.25 3.22
CA GLY B 30 -31.41 -7.90 3.40
C GLY B 30 -30.34 -6.81 3.48
N LYS B 31 -29.05 -7.15 3.43
CA LYS B 31 -27.97 -6.16 3.60
CA LYS B 31 -27.97 -6.16 3.60
C LYS B 31 -27.40 -5.69 2.28
N THR B 32 -26.76 -4.53 2.33
CA THR B 32 -25.88 -4.07 1.26
C THR B 32 -24.53 -4.66 1.62
N VAL B 33 -23.81 -5.20 0.62
CA VAL B 33 -22.52 -5.79 0.87
C VAL B 33 -21.49 -5.11 -0.01
N PHE B 34 -20.38 -4.70 0.61
CA PHE B 34 -19.24 -4.15 -0.11
C PHE B 34 -18.19 -5.24 -0.25
N LEU B 35 -17.81 -5.54 -1.48
CA LEU B 35 -16.67 -6.43 -1.74
C LEU B 35 -15.46 -5.52 -1.87
N TYR B 36 -14.50 -5.69 -0.95
CA TYR B 36 -13.34 -4.83 -0.83
C TYR B 36 -12.13 -5.53 -1.39
N PHE B 37 -11.77 -5.17 -2.63
CA PHE B 37 -10.59 -5.75 -3.28
C PHE B 37 -9.37 -5.00 -2.78
N SER B 38 -8.47 -5.73 -2.11
CA SER B 38 -7.35 -5.13 -1.40
C SER B 38 -6.20 -6.12 -1.31
N ALA B 39 -5.09 -5.69 -0.69
CA ALA B 39 -3.95 -6.57 -0.44
C ALA B 39 -3.10 -5.95 0.64
N SER B 40 -2.46 -6.81 1.44
CA SER B 40 -1.68 -6.36 2.60
C SER B 40 -0.54 -5.40 2.26
N TRP B 41 0.04 -5.59 1.07
CA TRP B 41 1.27 -4.93 0.66
C TRP B 41 1.06 -3.77 -0.33
N CYS B 42 -0.19 -3.52 -0.72
N CYS B 42 -0.19 -3.50 -0.70
CA CYS B 42 -0.49 -2.46 -1.70
CA CYS B 42 -0.53 -2.47 -1.68
C CYS B 42 -0.55 -1.11 -0.98
C CYS B 42 -0.57 -1.10 -0.98
N PRO B 43 0.35 -0.17 -1.34
CA PRO B 43 0.37 1.12 -0.59
C PRO B 43 -0.93 1.91 -0.53
N PRO B 44 -1.60 2.16 -1.68
CA PRO B 44 -2.89 2.88 -1.56
C PRO B 44 -3.96 2.17 -0.72
N CYS B 45 -3.94 0.84 -0.67
CA CYS B 45 -4.84 0.12 0.26
C CYS B 45 -4.52 0.46 1.71
N ARG B 46 -3.24 0.60 2.04
CA ARG B 46 -2.85 0.96 3.40
C ARG B 46 -3.43 2.29 3.82
N GLY B 47 -3.56 3.22 2.87
CA GLY B 47 -4.13 4.54 3.13
C GLY B 47 -5.65 4.56 3.19
N PHE B 48 -6.28 3.61 2.51
CA PHE B 48 -7.73 3.56 2.42
C PHE B 48 -8.37 2.70 3.53
N THR B 49 -7.78 1.57 3.87
CA THR B 49 -8.40 0.65 4.81
C THR B 49 -8.86 1.30 6.14
N PRO B 50 -8.06 2.21 6.74
CA PRO B 50 -8.49 2.87 7.99
C PRO B 50 -9.69 3.79 7.79
N VAL B 51 -9.77 4.38 6.60
CA VAL B 51 -10.89 5.25 6.26
C VAL B 51 -12.15 4.40 6.16
N LEU B 52 -12.04 3.23 5.52
CA LEU B 52 -13.17 2.33 5.40
C LEU B 52 -13.55 1.73 6.74
N ALA B 53 -12.56 1.41 7.57
CA ALA B 53 -12.84 0.95 8.94
C ALA B 53 -13.60 1.96 9.79
N GLU B 54 -13.23 3.23 9.69
CA GLU B 54 -13.97 4.28 10.39
C GLU B 54 -15.40 4.37 9.88
N PHE B 55 -15.59 4.33 8.56
CA PHE B 55 -16.93 4.36 7.95
C PHE B 55 -17.76 3.16 8.44
N TYR B 56 -17.15 1.99 8.42
CA TYR B 56 -17.76 0.76 8.91
C TYR B 56 -18.19 0.85 10.36
N GLU B 57 -17.29 1.29 11.24
CA GLU B 57 -17.65 1.41 12.66
C GLU B 57 -18.81 2.38 12.83
N LYS B 58 -18.80 3.49 12.09
CA LYS B 58 -19.83 4.53 12.22
C LYS B 58 -21.21 4.09 11.77
N HIS B 59 -21.27 3.40 10.63
CA HIS B 59 -22.50 3.25 9.86
C HIS B 59 -22.98 1.83 9.57
N HIS B 60 -22.21 0.78 9.82
CA HIS B 60 -22.59 -0.52 9.27
C HIS B 60 -23.89 -1.07 9.86
N VAL B 61 -24.23 -0.69 11.09
CA VAL B 61 -25.52 -1.10 11.66
C VAL B 61 -26.66 -0.24 11.14
N ALA B 62 -26.54 1.09 11.28
CA ALA B 62 -27.60 1.99 10.87
C ALA B 62 -27.92 1.95 9.40
N LYS B 63 -26.91 1.63 8.57
CA LYS B 63 -27.06 1.55 7.13
C LYS B 63 -27.04 0.10 6.62
N ASN B 64 -27.08 -0.86 7.54
CA ASN B 64 -27.30 -2.27 7.26
C ASN B 64 -26.41 -2.81 6.15
N PHE B 65 -25.09 -2.71 6.35
CA PHE B 65 -24.16 -3.24 5.37
C PHE B 65 -23.07 -4.04 6.01
N GLU B 66 -22.41 -4.85 5.18
CA GLU B 66 -21.18 -5.52 5.57
C GLU B 66 -20.09 -5.26 4.55
N VAL B 67 -18.85 -5.43 5.00
CA VAL B 67 -17.68 -5.37 4.15
C VAL B 67 -17.06 -6.76 4.14
N VAL B 68 -16.80 -7.28 2.94
CA VAL B 68 -16.12 -8.56 2.76
C VAL B 68 -14.82 -8.30 2.02
N LEU B 69 -13.70 -8.51 2.71
CA LEU B 69 -12.37 -8.48 2.06
C LEU B 69 -12.22 -9.56 0.98
N ILE B 70 -11.81 -9.12 -0.21
N ILE B 70 -11.76 -9.14 -0.20
CA ILE B 70 -11.38 -10.01 -1.28
CA ILE B 70 -11.37 -10.04 -1.27
C ILE B 70 -9.91 -9.66 -1.45
C ILE B 70 -9.91 -9.76 -1.57
N SER B 71 -9.04 -10.48 -0.89
CA SER B 71 -7.61 -10.19 -0.85
C SER B 71 -6.82 -10.75 -2.02
N TRP B 72 -5.93 -9.92 -2.58
CA TRP B 72 -4.98 -10.36 -3.63
C TRP B 72 -3.75 -11.10 -3.04
N ASP B 73 -3.61 -11.13 -1.71
CA ASP B 73 -2.49 -11.84 -1.08
C ASP B 73 -2.43 -13.30 -1.57
N GLU B 74 -1.24 -13.75 -1.91
N GLU B 74 -1.23 -13.73 -1.92
CA GLU B 74 -1.01 -15.15 -2.26
CA GLU B 74 -0.98 -15.12 -2.29
C GLU B 74 -0.35 -15.95 -1.15
C GLU B 74 -0.34 -15.94 -1.17
N ASN B 75 0.00 -15.27 -0.05
CA ASN B 75 0.62 -15.89 1.10
C ASN B 75 -0.46 -15.95 2.17
N GLU B 76 -0.77 -17.17 2.61
CA GLU B 76 -1.85 -17.37 3.56
C GLU B 76 -1.59 -16.72 4.92
N SER B 77 -0.36 -16.81 5.41
N SER B 77 -0.36 -16.81 5.41
CA SER B 77 -0.01 -16.21 6.71
CA SER B 77 0.02 -16.21 6.70
C SER B 77 -0.16 -14.68 6.67
C SER B 77 -0.17 -14.69 6.66
N ASP B 78 0.27 -14.06 5.57
CA ASP B 78 0.06 -12.63 5.34
C ASP B 78 -1.43 -12.26 5.30
N PHE B 79 -2.21 -13.06 4.56
CA PHE B 79 -3.66 -12.89 4.53
C PHE B 79 -4.29 -12.85 5.92
N HIS B 80 -4.02 -13.87 6.74
CA HIS B 80 -4.61 -13.92 8.07
C HIS B 80 -4.16 -12.78 8.97
N ASP B 81 -2.91 -12.36 8.85
CA ASP B 81 -2.39 -11.26 9.67
C ASP B 81 -3.12 -9.96 9.34
N TYR B 82 -3.22 -9.71 8.04
N TYR B 82 -3.27 -9.61 8.06
CA TYR B 82 -3.85 -8.54 7.46
CA TYR B 82 -3.89 -8.31 7.76
C TYR B 82 -5.32 -8.42 7.88
C TYR B 82 -5.42 -8.32 7.74
N TYR B 83 -6.07 -9.49 7.62
CA TYR B 83 -7.50 -9.58 7.91
C TYR B 83 -7.76 -9.55 9.44
N GLY B 84 -6.87 -10.17 10.22
CA GLY B 84 -6.95 -10.13 11.67
C GLY B 84 -7.14 -8.74 12.25
N LYS B 85 -6.53 -7.74 11.62
CA LYS B 85 -6.58 -6.34 12.11
C LYS B 85 -7.76 -5.53 11.60
N MET B 86 -8.55 -6.10 10.70
CA MET B 86 -9.74 -5.46 10.14
C MET B 86 -10.94 -5.81 11.01
N PRO B 87 -12.03 -5.02 10.90
CA PRO B 87 -13.21 -5.24 11.76
C PRO B 87 -14.34 -6.08 11.17
N TRP B 88 -14.22 -6.46 9.89
CA TRP B 88 -15.35 -6.93 9.08
C TRP B 88 -15.17 -8.43 8.66
N LEU B 89 -15.61 -8.81 7.46
CA LEU B 89 -15.60 -10.20 7.02
C LEU B 89 -14.57 -10.41 5.92
N ALA B 90 -14.31 -11.66 5.58
CA ALA B 90 -13.40 -11.96 4.47
C ALA B 90 -13.78 -13.22 3.74
N LEU B 91 -13.61 -13.19 2.43
CA LEU B 91 -13.66 -14.41 1.62
C LEU B 91 -12.46 -15.25 2.05
N PRO B 92 -12.67 -16.53 2.37
CA PRO B 92 -11.57 -17.34 2.87
C PRO B 92 -10.40 -17.46 1.89
N PHE B 93 -9.22 -17.72 2.44
CA PHE B 93 -8.05 -17.86 1.60
C PHE B 93 -8.19 -18.98 0.56
N ASP B 94 -8.97 -20.02 0.88
CA ASP B 94 -9.15 -21.14 -0.07
C ASP B 94 -9.94 -20.78 -1.34
N GLN B 95 -10.45 -19.55 -1.41
CA GLN B 95 -11.06 -19.03 -2.63
C GLN B 95 -10.12 -18.15 -3.45
N ARG B 96 -8.85 -18.06 -3.06
CA ARG B 96 -7.88 -17.19 -3.75
C ARG B 96 -7.80 -17.43 -5.27
N SER B 97 -7.97 -18.68 -5.72
CA SER B 97 -7.95 -19.01 -7.15
C SER B 97 -9.07 -18.35 -7.98
N THR B 98 -10.12 -17.86 -7.31
CA THR B 98 -11.23 -17.16 -7.94
C THR B 98 -11.08 -15.65 -8.00
N VAL B 99 -10.07 -15.09 -7.32
CA VAL B 99 -9.99 -13.65 -7.09
C VAL B 99 -9.74 -12.88 -8.40
N SER B 100 -8.82 -13.36 -9.22
CA SER B 100 -8.54 -12.74 -10.52
C SER B 100 -9.78 -12.64 -11.39
N GLU B 101 -10.49 -13.76 -11.59
CA GLU B 101 -11.71 -13.74 -12.42
C GLU B 101 -12.83 -12.90 -11.79
N LEU B 102 -12.92 -12.91 -10.46
N LEU B 102 -12.91 -12.89 -10.45
CA LEU B 102 -13.85 -12.04 -9.74
CA LEU B 102 -13.90 -12.04 -9.78
C LEU B 102 -13.61 -10.56 -10.09
C LEU B 102 -13.61 -10.56 -10.07
N GLY B 103 -12.34 -10.16 -10.02
CA GLY B 103 -11.94 -8.80 -10.43
C GLY B 103 -12.30 -8.50 -11.89
N LYS B 104 -12.08 -9.47 -12.77
CA LYS B 104 -12.43 -9.30 -14.19
C LYS B 104 -13.91 -9.15 -14.38
N THR B 105 -14.67 -9.94 -13.64
CA THR B 105 -16.15 -9.90 -13.72
C THR B 105 -16.70 -8.50 -13.38
N PHE B 106 -16.09 -7.85 -12.39
CA PHE B 106 -16.55 -6.54 -11.92
C PHE B 106 -15.82 -5.34 -12.54
N GLY B 107 -14.90 -5.60 -13.46
CA GLY B 107 -14.10 -4.57 -14.14
C GLY B 107 -13.13 -3.88 -13.20
N VAL B 108 -12.56 -4.64 -12.28
CA VAL B 108 -11.59 -4.12 -11.32
C VAL B 108 -10.27 -3.92 -12.06
N GLU B 109 -9.85 -2.66 -12.21
CA GLU B 109 -8.63 -2.30 -12.96
C GLU B 109 -7.45 -1.93 -12.04
N SER B 110 -7.72 -1.78 -10.76
CA SER B 110 -6.69 -1.53 -9.74
C SER B 110 -7.30 -1.73 -8.36
N ILE B 111 -6.45 -1.74 -7.33
CA ILE B 111 -6.94 -1.75 -5.95
C ILE B 111 -6.34 -0.56 -5.21
N PRO B 112 -6.96 -0.09 -4.12
CA PRO B 112 -8.24 -0.56 -3.58
C PRO B 112 -9.45 -0.28 -4.47
N THR B 113 -10.42 -1.21 -4.45
CA THR B 113 -11.71 -1.03 -5.14
C THR B 113 -12.81 -1.64 -4.29
N LEU B 114 -13.93 -0.94 -4.22
CA LEU B 114 -15.18 -1.43 -3.63
C LEU B 114 -16.23 -1.71 -4.72
N ILE B 115 -16.86 -2.88 -4.63
CA ILE B 115 -18.00 -3.23 -5.47
C ILE B 115 -19.18 -3.39 -4.50
N THR B 116 -20.26 -2.66 -4.78
CA THR B 116 -21.44 -2.63 -3.91
C THR B 116 -22.51 -3.53 -4.48
N ILE B 117 -22.93 -4.52 -3.67
CA ILE B 117 -23.84 -5.57 -4.15
C ILE B 117 -25.05 -5.71 -3.21
N ASN B 118 -26.22 -5.89 -3.81
CA ASN B 118 -27.43 -6.27 -3.06
C ASN B 118 -27.31 -7.77 -2.72
N ALA B 119 -27.26 -8.07 -1.44
CA ALA B 119 -27.09 -9.46 -0.95
C ALA B 119 -28.18 -10.43 -1.40
N ASP B 120 -29.42 -9.96 -1.50
CA ASP B 120 -30.56 -10.80 -1.90
C ASP B 120 -30.63 -11.15 -3.39
N THR B 121 -30.24 -10.23 -4.26
CA THR B 121 -30.38 -10.43 -5.73
C THR B 121 -29.04 -10.62 -6.46
N GLY B 122 -27.96 -10.15 -5.86
CA GLY B 122 -26.67 -10.07 -6.53
C GLY B 122 -26.55 -8.89 -7.50
N ALA B 123 -27.50 -7.97 -7.49
CA ALA B 123 -27.43 -6.80 -8.36
C ALA B 123 -26.26 -5.93 -7.90
N ILE B 124 -25.50 -5.41 -8.86
CA ILE B 124 -24.43 -4.45 -8.58
C ILE B 124 -25.06 -3.06 -8.46
N ILE B 125 -25.02 -2.54 -7.24
CA ILE B 125 -25.56 -1.22 -6.88
C ILE B 125 -24.63 -0.12 -7.35
N GLY B 126 -23.34 -0.35 -7.23
CA GLY B 126 -22.34 0.65 -7.54
C GLY B 126 -20.93 0.07 -7.56
N THR B 127 -20.01 0.83 -8.14
CA THR B 127 -18.61 0.43 -8.25
C THR B 127 -17.64 1.54 -7.76
N GLN B 128 -18.15 2.65 -7.22
CA GLN B 128 -17.34 3.85 -6.91
C GLN B 128 -17.23 4.15 -5.41
N ALA B 129 -17.65 3.23 -4.54
CA ALA B 129 -17.66 3.49 -3.10
C ALA B 129 -16.28 3.75 -2.50
N ARG B 130 -15.22 3.26 -3.14
CA ARG B 130 -13.85 3.59 -2.72
C ARG B 130 -13.59 5.10 -2.66
N THR B 131 -14.20 5.86 -3.57
CA THR B 131 -14.10 7.32 -3.51
C THR B 131 -15.25 7.95 -2.72
N ARG B 132 -16.46 7.40 -2.84
CA ARG B 132 -17.62 8.00 -2.19
C ARG B 132 -17.48 8.04 -0.66
N VAL B 133 -16.86 7.03 -0.08
CA VAL B 133 -16.58 6.98 1.35
C VAL B 133 -15.75 8.21 1.79
N ILE B 134 -14.78 8.59 0.97
CA ILE B 134 -13.95 9.77 1.23
C ILE B 134 -14.73 11.07 1.02
N GLU B 135 -15.55 11.15 -0.04
N GLU B 135 -15.53 11.12 -0.05
CA GLU B 135 -16.35 12.33 -0.36
CA GLU B 135 -16.34 12.29 -0.38
C GLU B 135 -17.54 12.54 0.57
C GLU B 135 -17.52 12.55 0.56
N ASP B 136 -18.00 11.48 1.19
CA ASP B 136 -19.25 11.48 1.94
C ASP B 136 -19.03 10.65 3.21
N PRO B 137 -18.17 11.12 4.13
CA PRO B 137 -17.83 10.28 5.30
C PRO B 137 -18.98 9.92 6.24
N ASP B 138 -20.02 10.76 6.29
CA ASP B 138 -21.23 10.40 7.06
C ASP B 138 -22.34 9.71 6.25
N GLY B 139 -22.02 9.34 5.01
CA GLY B 139 -22.88 8.50 4.18
C GLY B 139 -24.26 9.04 3.89
N ALA B 140 -24.36 10.36 3.75
CA ALA B 140 -25.62 10.99 3.39
C ALA B 140 -26.21 10.38 2.11
N ASN B 141 -25.36 10.10 1.13
CA ASN B 141 -25.78 9.57 -0.17
C ASN B 141 -25.61 8.07 -0.34
N PHE B 142 -25.31 7.36 0.74
CA PHE B 142 -25.20 5.88 0.72
C PHE B 142 -26.50 5.25 0.18
N PRO B 143 -26.44 4.20 -0.65
CA PRO B 143 -25.23 3.48 -1.10
C PRO B 143 -24.60 4.00 -2.41
N TRP B 144 -24.87 5.26 -2.77
CA TRP B 144 -24.27 5.94 -3.91
C TRP B 144 -24.59 5.30 -5.28
N PRO B 145 -25.88 5.12 -5.57
CA PRO B 145 -26.28 4.65 -6.89
C PRO B 145 -26.04 5.70 -7.98
N ASN B 146 -25.80 5.23 -9.20
CA ASN B 146 -25.50 6.09 -10.35
C ASN B 146 -26.67 7.00 -10.73
N GLY C 1 4.09 18.47 37.28
CA GLY C 1 5.21 19.44 37.49
C GLY C 1 5.09 20.66 36.58
N MET C 2 6.00 21.63 36.77
CA MET C 2 5.88 22.94 36.11
C MET C 2 6.74 23.12 34.85
N GLY C 3 8.03 22.78 34.90
CA GLY C 3 8.98 23.12 33.85
C GLY C 3 9.00 22.07 32.75
N SER C 4 9.42 22.47 31.56
CA SER C 4 9.61 21.54 30.43
C SER C 4 10.54 22.12 29.37
N GLY C 5 11.44 21.27 28.85
CA GLY C 5 12.20 21.62 27.64
C GLY C 5 11.33 21.81 26.41
N LEU C 6 10.16 21.18 26.40
CA LEU C 6 9.21 21.34 25.29
C LEU C 6 8.64 22.77 25.16
N ALA C 7 8.70 23.55 26.24
CA ALA C 7 8.29 24.97 26.19
C ALA C 7 9.05 25.83 25.16
N LYS C 8 10.25 25.39 24.77
CA LYS C 8 10.99 26.01 23.66
C LYS C 8 10.20 25.97 22.33
N TYR C 9 9.36 24.96 22.18
CA TYR C 9 8.60 24.70 20.95
C TYR C 9 7.09 24.92 21.08
N LEU C 10 6.53 24.58 22.25
CA LEU C 10 5.09 24.70 22.51
C LEU C 10 4.91 25.78 23.55
N PRO C 11 3.81 26.56 23.47
CA PRO C 11 3.54 27.47 24.59
C PRO C 11 3.54 26.69 25.92
N GLY C 12 4.32 27.16 26.89
CA GLY C 12 4.53 26.46 28.17
C GLY C 12 3.26 26.07 28.91
N ALA C 13 2.26 26.93 28.85
CA ALA C 13 0.95 26.70 29.48
C ALA C 13 -0.02 25.79 28.69
N THR C 14 0.35 25.35 27.48
N THR C 14 0.35 25.36 27.48
CA THR C 14 -0.49 24.46 26.68
CA THR C 14 -0.49 24.48 26.68
C THR C 14 -0.86 23.22 27.48
C THR C 14 -0.86 23.22 27.46
N ASN C 15 -2.16 22.94 27.53
CA ASN C 15 -2.66 21.67 28.03
C ASN C 15 -2.90 20.85 26.78
N LEU C 16 -1.99 19.91 26.55
CA LEU C 16 -2.15 18.96 25.45
C LEU C 16 -3.40 18.13 25.71
N LEU C 17 -4.08 17.73 24.63
CA LEU C 17 -5.20 16.80 24.74
C LEU C 17 -4.66 15.42 25.03
N SER C 18 -5.41 14.64 25.81
CA SER C 18 -5.16 13.22 26.01
C SER C 18 -6.47 12.48 25.74
N LYS C 19 -6.44 11.16 25.84
N LYS C 19 -6.41 11.16 25.82
CA LYS C 19 -7.65 10.35 25.72
CA LYS C 19 -7.61 10.32 25.73
C LYS C 19 -8.51 10.44 26.97
C LYS C 19 -8.51 10.49 26.96
N SER C 20 -7.89 10.65 28.13
CA SER C 20 -8.61 10.86 29.40
C SER C 20 -8.90 12.34 29.75
N GLY C 21 -8.53 13.30 28.88
CA GLY C 21 -8.78 14.73 29.13
C GLY C 21 -7.66 15.61 28.63
N GLU C 22 -6.86 16.15 29.56
CA GLU C 22 -5.77 17.09 29.23
C GLU C 22 -4.58 16.93 30.19
N VAL C 23 -3.36 17.12 29.66
CA VAL C 23 -2.14 17.07 30.46
C VAL C 23 -1.20 18.25 30.16
N SER C 24 -0.36 18.57 31.14
CA SER C 24 0.61 19.65 31.00
C SER C 24 1.86 19.15 30.30
N LEU C 25 2.69 20.10 29.86
CA LEU C 25 4.00 19.76 29.33
C LEU C 25 4.89 19.19 30.45
N GLY C 26 4.81 19.77 31.64
CA GLY C 26 5.50 19.27 32.83
C GLY C 26 5.28 17.80 33.13
N SER C 27 4.11 17.27 32.78
CA SER C 27 3.78 15.86 33.02
C SER C 27 4.64 14.91 32.21
N LEU C 28 5.21 15.40 31.13
CA LEU C 28 6.11 14.62 30.29
C LEU C 28 7.55 14.56 30.79
N VAL C 29 7.79 15.04 32.02
CA VAL C 29 9.11 14.98 32.66
C VAL C 29 9.78 13.62 32.46
N GLY C 30 11.01 13.64 31.95
CA GLY C 30 11.87 12.46 31.82
C GLY C 30 11.65 11.60 30.59
N LYS C 31 10.67 11.98 29.75
CA LYS C 31 10.28 11.17 28.59
C LYS C 31 10.97 11.60 27.32
N THR C 32 11.03 10.67 26.37
CA THR C 32 11.27 10.98 24.98
C THR C 32 9.90 11.32 24.38
N VAL C 33 9.85 12.41 23.63
CA VAL C 33 8.60 12.87 23.05
C VAL C 33 8.78 12.98 21.56
N PHE C 34 7.88 12.34 20.83
CA PHE C 34 7.80 12.46 19.38
C PHE C 34 6.73 13.46 19.04
N LEU C 35 7.10 14.47 18.25
CA LEU C 35 6.12 15.34 17.64
C LEU C 35 5.73 14.70 16.31
N TYR C 36 4.44 14.40 16.15
CA TYR C 36 3.94 13.68 14.96
C TYR C 36 3.11 14.60 14.08
N PHE C 37 3.71 15.01 12.96
CA PHE C 37 3.09 15.90 11.98
C PHE C 37 2.30 15.04 11.01
N SER C 38 0.99 15.28 10.93
CA SER C 38 0.09 14.34 10.25
C SER C 38 -1.25 15.00 9.93
N ALA C 39 -1.94 14.45 8.94
CA ALA C 39 -3.26 14.95 8.54
C ALA C 39 -4.12 13.81 8.06
N SER C 40 -5.43 13.93 8.30
CA SER C 40 -6.40 12.90 7.93
C SER C 40 -6.54 12.77 6.42
N TRP C 41 -6.30 13.87 5.72
CA TRP C 41 -6.41 13.93 4.26
C TRP C 41 -5.22 13.32 3.49
N CYS C 42 -4.15 12.97 4.21
CA CYS C 42 -2.90 12.49 3.62
C CYS C 42 -2.86 10.95 3.63
N PRO C 43 -2.92 10.30 2.45
CA PRO C 43 -2.96 8.82 2.51
C PRO C 43 -1.74 8.14 3.18
N PRO C 44 -0.51 8.62 2.91
CA PRO C 44 0.63 8.03 3.65
C PRO C 44 0.52 8.21 5.14
N CYS C 45 -0.05 9.33 5.59
CA CYS C 45 -0.32 9.52 7.04
C CYS C 45 -1.27 8.48 7.56
N ARG C 46 -2.37 8.23 6.83
CA ARG C 46 -3.39 7.31 7.29
C ARG C 46 -2.87 5.87 7.36
N GLY C 47 -1.96 5.53 6.45
CA GLY C 47 -1.30 4.21 6.47
C GLY C 47 -0.20 4.08 7.50
N PHE C 48 0.43 5.20 7.87
CA PHE C 48 1.51 5.23 8.87
C PHE C 48 0.96 5.23 10.31
N THR C 49 -0.08 6.02 10.55
CA THR C 49 -0.63 6.16 11.90
C THR C 49 -0.89 4.82 12.65
N PRO C 50 -1.56 3.83 12.01
CA PRO C 50 -1.79 2.53 12.67
C PRO C 50 -0.51 1.75 13.01
N VAL C 51 0.52 1.91 12.18
CA VAL C 51 1.82 1.26 12.41
C VAL C 51 2.52 1.89 13.61
N LEU C 52 2.50 3.22 13.66
CA LEU C 52 3.03 3.97 14.78
C LEU C 52 2.24 3.66 16.05
N ALA C 53 0.92 3.50 15.92
CA ALA C 53 0.08 3.12 17.07
C ALA C 53 0.47 1.76 17.63
N GLU C 54 0.77 0.79 16.75
N GLU C 54 0.78 0.79 16.74
CA GLU C 54 1.23 -0.53 17.20
CA GLU C 54 1.22 -0.54 17.18
C GLU C 54 2.53 -0.42 18.00
C GLU C 54 2.54 -0.46 17.97
N PHE C 55 3.47 0.36 17.47
CA PHE C 55 4.73 0.62 18.14
C PHE C 55 4.53 1.27 19.52
N TYR C 56 3.71 2.31 19.53
CA TYR C 56 3.30 3.00 20.75
C TYR C 56 2.68 2.05 21.78
N GLU C 57 1.69 1.26 21.35
CA GLU C 57 0.99 0.40 22.29
C GLU C 57 1.92 -0.64 22.92
N LYS C 58 2.87 -1.15 22.14
CA LYS C 58 3.82 -2.15 22.63
C LYS C 58 4.89 -1.56 23.54
N HIS C 59 5.35 -0.35 23.22
CA HIS C 59 6.61 0.14 23.75
C HIS C 59 6.57 1.42 24.55
N HIS C 60 5.47 2.18 24.53
CA HIS C 60 5.52 3.55 25.08
CA HIS C 60 5.51 3.55 25.09
C HIS C 60 5.77 3.54 26.59
N VAL C 61 5.28 2.53 27.29
CA VAL C 61 5.52 2.42 28.74
C VAL C 61 6.95 1.99 29.03
N ALA C 62 7.36 0.84 28.49
CA ALA C 62 8.70 0.27 28.74
C ALA C 62 9.84 1.17 28.28
N LYS C 63 9.65 1.85 27.15
CA LYS C 63 10.70 2.73 26.63
C LYS C 63 10.47 4.19 27.01
N ASN C 64 9.43 4.44 27.81
CA ASN C 64 9.16 5.76 28.41
C ASN C 64 9.09 6.91 27.38
N PHE C 65 8.15 6.78 26.46
CA PHE C 65 7.93 7.83 25.45
C PHE C 65 6.48 8.19 25.28
N GLU C 66 6.27 9.36 24.70
CA GLU C 66 4.97 9.87 24.38
C GLU C 66 5.01 10.38 22.94
N VAL C 67 3.83 10.38 22.30
CA VAL C 67 3.63 10.97 20.98
C VAL C 67 2.62 12.13 21.11
N VAL C 68 2.89 13.22 20.39
CA VAL C 68 2.00 14.38 20.36
C VAL C 68 1.65 14.68 18.90
N LEU C 69 0.37 14.55 18.55
CA LEU C 69 -0.11 14.97 17.21
C LEU C 69 0.01 16.48 16.99
N ILE C 70 0.67 16.85 15.89
CA ILE C 70 0.71 18.22 15.39
C ILE C 70 -0.07 18.17 14.07
N SER C 71 -1.32 18.64 14.10
CA SER C 71 -2.25 18.39 13.00
C SER C 71 -2.15 19.39 11.85
N TRP C 72 -2.01 18.86 10.63
CA TRP C 72 -2.18 19.66 9.40
C TRP C 72 -3.61 19.55 8.85
N ASP C 73 -4.55 19.06 9.66
CA ASP C 73 -5.96 19.12 9.25
C ASP C 73 -6.47 20.55 9.15
N GLU C 74 -7.38 20.78 8.20
CA GLU C 74 -7.98 22.09 7.93
C GLU C 74 -9.36 22.26 8.55
N ASN C 75 -9.99 21.16 8.97
CA ASN C 75 -11.29 21.17 9.62
C ASN C 75 -11.14 20.63 11.02
N GLU C 76 -11.72 21.31 11.98
CA GLU C 76 -11.68 20.84 13.36
C GLU C 76 -12.34 19.46 13.52
N SER C 77 -13.45 19.21 12.83
CA SER C 77 -14.12 17.90 12.94
C SER C 77 -13.25 16.78 12.39
N ASP C 78 -12.46 17.06 11.34
CA ASP C 78 -11.52 16.08 10.78
C ASP C 78 -10.42 15.76 11.78
N PHE C 79 -9.93 16.80 12.43
CA PHE C 79 -8.96 16.66 13.52
C PHE C 79 -9.49 15.74 14.64
N HIS C 80 -10.68 16.06 15.16
N HIS C 80 -10.67 16.05 15.19
CA HIS C 80 -11.32 15.29 16.24
CA HIS C 80 -11.22 15.25 16.29
C HIS C 80 -11.46 13.81 15.89
C HIS C 80 -11.42 13.77 15.89
N ASP C 81 -11.98 13.53 14.69
CA ASP C 81 -12.18 12.16 14.21
C ASP C 81 -10.87 11.39 14.04
N TYR C 82 -9.86 12.04 13.48
CA TYR C 82 -8.56 11.40 13.23
C TYR C 82 -7.80 11.19 14.54
N TYR C 83 -7.71 12.23 15.37
CA TYR C 83 -7.10 12.09 16.69
C TYR C 83 -7.87 11.06 17.55
N GLY C 84 -9.18 10.94 17.33
CA GLY C 84 -10.00 9.93 17.99
C GLY C 84 -9.47 8.50 17.83
N LYS C 85 -8.87 8.22 16.66
N LYS C 85 -8.85 8.21 16.68
CA LYS C 85 -8.30 6.92 16.35
CA LYS C 85 -8.31 6.88 16.41
C LYS C 85 -6.87 6.70 16.90
C LYS C 85 -6.85 6.72 16.84
N MET C 86 -6.31 7.68 17.61
CA MET C 86 -4.91 7.64 18.08
C MET C 86 -4.86 7.46 19.59
N PRO C 87 -3.84 6.75 20.08
CA PRO C 87 -3.79 6.46 21.52
C PRO C 87 -3.04 7.51 22.36
N TRP C 88 -2.44 8.51 21.72
CA TRP C 88 -1.46 9.39 22.35
C TRP C 88 -2.06 10.80 22.58
N LEU C 89 -1.22 11.83 22.62
CA LEU C 89 -1.62 13.21 22.89
C LEU C 89 -1.74 14.02 21.62
N ALA C 90 -2.30 15.23 21.76
CA ALA C 90 -2.43 16.13 20.64
C ALA C 90 -2.32 17.57 21.09
N LEU C 91 -1.65 18.37 20.26
CA LEU C 91 -1.70 19.82 20.38
C LEU C 91 -3.12 20.23 20.02
N PRO C 92 -3.77 21.04 20.88
CA PRO C 92 -5.15 21.44 20.59
C PRO C 92 -5.30 22.11 19.23
N PHE C 93 -6.39 21.82 18.54
CA PHE C 93 -6.58 22.29 17.16
C PHE C 93 -6.51 23.80 16.99
N ASP C 94 -7.00 24.55 17.98
CA ASP C 94 -7.05 26.00 17.88
C ASP C 94 -5.66 26.65 17.78
N GLN C 95 -4.60 25.94 18.19
CA GLN C 95 -3.23 26.45 18.08
C GLN C 95 -2.63 26.29 16.69
N ARG C 96 -3.27 26.94 15.72
CA ARG C 96 -2.80 26.90 14.34
C ARG C 96 -1.44 27.58 14.19
N SER C 97 -1.24 28.72 14.85
CA SER C 97 0.06 29.44 14.80
C SER C 97 1.22 28.58 15.31
N THR C 98 0.96 27.79 16.36
CA THR C 98 1.98 26.88 16.88
C THR C 98 2.38 25.81 15.84
N VAL C 99 1.39 25.30 15.11
CA VAL C 99 1.63 24.30 14.06
C VAL C 99 2.57 24.88 13.00
N SER C 100 2.27 26.10 12.54
N SER C 100 2.26 26.10 12.53
CA SER C 100 3.07 26.79 11.53
CA SER C 100 3.07 26.78 11.52
C SER C 100 4.50 27.03 12.00
C SER C 100 4.52 27.02 12.00
N GLU C 101 4.66 27.52 13.22
CA GLU C 101 5.99 27.77 13.79
C GLU C 101 6.82 26.49 13.93
N LEU C 102 6.18 25.43 14.42
CA LEU C 102 6.81 24.11 14.51
C LEU C 102 7.31 23.61 13.16
N GLY C 103 6.53 23.83 12.11
CA GLY C 103 6.88 23.42 10.77
C GLY C 103 8.15 24.09 10.28
N LYS C 104 8.30 25.37 10.63
CA LYS C 104 9.50 26.14 10.30
C LYS C 104 10.69 25.77 11.16
N THR C 105 10.46 25.45 12.43
CA THR C 105 11.55 25.09 13.33
C THR C 105 12.26 23.80 12.88
N PHE C 106 11.50 22.87 12.29
CA PHE C 106 12.01 21.56 11.87
C PHE C 106 11.98 21.29 10.37
N GLY C 107 11.73 22.32 9.58
CA GLY C 107 11.66 22.21 8.12
C GLY C 107 10.73 21.11 7.67
N VAL C 108 9.55 21.04 8.28
CA VAL C 108 8.57 20.01 7.96
C VAL C 108 7.84 20.46 6.70
N GLU C 109 8.32 19.98 5.56
N GLU C 109 8.32 20.01 5.54
CA GLU C 109 7.73 20.28 4.24
CA GLU C 109 7.68 20.31 4.25
C GLU C 109 6.76 19.19 3.77
C GLU C 109 6.77 19.19 3.75
N SER C 110 6.80 18.03 4.43
CA SER C 110 5.94 16.92 4.12
C SER C 110 5.55 16.12 5.36
N ILE C 111 4.48 15.35 5.21
CA ILE C 111 3.93 14.51 6.27
C ILE C 111 3.64 13.10 5.68
N PRO C 112 3.72 12.04 6.48
CA PRO C 112 4.02 12.06 7.92
C PRO C 112 5.50 12.37 8.24
N THR C 113 5.72 13.10 9.33
CA THR C 113 7.04 13.38 9.85
C THR C 113 7.00 13.23 11.39
N LEU C 114 8.04 12.59 11.95
CA LEU C 114 8.30 12.51 13.38
C LEU C 114 9.53 13.32 13.75
N ILE C 115 9.41 14.13 14.80
CA ILE C 115 10.54 14.84 15.38
C ILE C 115 10.66 14.31 16.82
N THR C 116 11.85 13.83 17.16
CA THR C 116 12.14 13.21 18.45
C THR C 116 12.87 14.20 19.36
N ILE C 117 12.29 14.43 20.55
CA ILE C 117 12.75 15.47 21.46
C ILE C 117 12.91 14.90 22.87
N ASN C 118 14.02 15.27 23.53
CA ASN C 118 14.17 15.07 24.97
C ASN C 118 13.27 16.09 25.69
N ALA C 119 12.26 15.61 26.41
CA ALA C 119 11.31 16.48 27.10
C ALA C 119 11.98 17.42 28.08
N ASP C 120 12.97 16.94 28.84
CA ASP C 120 13.58 17.78 29.88
C ASP C 120 14.45 18.92 29.34
N THR C 121 15.21 18.64 28.29
CA THR C 121 16.17 19.61 27.76
C THR C 121 15.70 20.30 26.48
N GLY C 122 14.71 19.73 25.81
CA GLY C 122 14.30 20.18 24.51
C GLY C 122 15.24 19.82 23.36
N ALA C 123 16.27 19.03 23.64
CA ALA C 123 17.26 18.65 22.61
C ALA C 123 16.61 17.83 21.52
N ILE C 124 17.04 18.02 20.27
CA ILE C 124 16.50 17.25 19.15
C ILE C 124 17.31 15.98 19.05
N ILE C 125 16.71 14.87 19.46
CA ILE C 125 17.33 13.55 19.45
C ILE C 125 17.50 13.09 18.01
N GLY C 126 16.48 13.28 17.20
CA GLY C 126 16.53 12.95 15.79
C GLY C 126 15.33 13.45 15.03
N THR C 127 15.41 13.33 13.71
CA THR C 127 14.35 13.79 12.82
C THR C 127 13.94 12.73 11.77
N GLN C 128 14.36 11.48 11.96
CA GLN C 128 14.19 10.42 10.96
C GLN C 128 13.34 9.24 11.45
N ALA C 129 12.66 9.36 12.59
CA ALA C 129 11.95 8.22 13.16
C ALA C 129 10.80 7.71 12.28
N ARG C 130 10.24 8.57 11.42
CA ARG C 130 9.18 8.10 10.49
C ARG C 130 9.68 6.92 9.64
N THR C 131 10.97 6.89 9.33
CA THR C 131 11.61 5.73 8.68
C THR C 131 12.09 4.70 9.69
N ARG C 132 12.71 5.14 10.78
CA ARG C 132 13.34 4.19 11.72
CA ARG C 132 13.34 4.20 11.72
C ARG C 132 12.31 3.24 12.35
N VAL C 133 11.11 3.75 12.65
N VAL C 133 11.11 3.71 12.66
CA VAL C 133 9.98 2.93 13.14
CA VAL C 133 10.07 2.83 13.20
C VAL C 133 9.71 1.76 12.21
C VAL C 133 9.66 1.74 12.21
N ILE C 134 9.70 2.04 10.91
CA ILE C 134 9.44 1.02 9.87
C ILE C 134 10.63 0.03 9.78
N GLU C 135 11.85 0.54 9.82
CA GLU C 135 13.05 -0.31 9.76
C GLU C 135 13.28 -1.13 11.01
N ASP C 136 12.76 -0.67 12.15
CA ASP C 136 13.09 -1.24 13.46
C ASP C 136 11.82 -1.28 14.31
N PRO C 137 10.85 -2.13 13.93
N PRO C 137 10.84 -2.12 13.93
CA PRO C 137 9.55 -2.15 14.61
CA PRO C 137 9.56 -2.11 14.63
C PRO C 137 9.62 -2.64 16.06
C PRO C 137 9.61 -2.65 16.06
N ASP C 138 10.66 -3.39 16.43
CA ASP C 138 10.87 -3.78 17.84
C ASP C 138 11.55 -2.68 18.67
N GLY C 139 12.01 -1.60 18.03
CA GLY C 139 12.66 -0.50 18.74
C GLY C 139 13.97 -0.90 19.39
N ALA C 140 14.67 -1.87 18.80
CA ALA C 140 15.99 -2.25 19.28
C ALA C 140 16.95 -1.06 19.38
N ASN C 141 16.85 -0.13 18.42
CA ASN C 141 17.75 1.03 18.38
C ASN C 141 17.09 2.35 18.79
N PHE C 142 15.91 2.26 19.39
CA PHE C 142 15.19 3.42 19.94
C PHE C 142 16.12 4.16 20.91
N PRO C 143 16.16 5.49 20.94
CA PRO C 143 15.28 6.42 20.23
C PRO C 143 15.83 6.92 18.88
N TRP C 144 16.71 6.15 18.27
CA TRP C 144 17.24 6.41 16.93
C TRP C 144 17.88 7.80 16.79
N PRO C 145 18.88 8.10 17.65
CA PRO C 145 19.48 9.42 17.55
C PRO C 145 20.19 9.57 16.20
N ASN C 146 20.10 10.76 15.62
CA ASN C 146 20.89 11.09 14.44
C ASN C 146 21.54 12.46 14.62
C01 FFN D . 1.53 -8.64 -6.03
C02 FFN D . 0.92 -8.22 -7.19
N03 FFN D . 1.01 -6.95 -7.54
N18 FFN D . 0.21 -9.08 -7.98
C16 FFN D . -0.39 -8.59 -9.13
O17 FFN D . -1.00 -9.40 -9.80
C15 FFN D . -0.29 -7.30 -9.47
C04 FFN D . 0.43 -6.49 -8.64
S05 FFN D . 0.47 -5.00 -9.20
C06 FFN D . -0.44 -5.30 -10.51
C07 FFN D . -0.75 -6.61 -10.54
C08 FFN D . -1.55 -7.02 -11.53
C09 FFN D . -2.77 -7.60 -11.23
C10 FFN D . -3.67 -7.98 -12.24
C11 FFN D . -3.38 -7.76 -13.57
F12 FFN D . -4.24 -8.11 -14.54
C13 FFN D . -2.17 -7.15 -13.87
C14 FFN D . -1.29 -6.78 -12.87
C01 FFN E . -0.71 -2.09 -5.30
C02 FFN E . -1.50 -2.83 -6.14
N03 FFN E . -1.65 -4.12 -5.96
N18 FFN E . -2.15 -2.23 -7.19
C16 FFN E . -2.95 -3.02 -8.01
O17 FFN E . -3.52 -2.43 -8.91
C15 FFN E . -3.09 -4.35 -7.80
C04 FFN E . -2.42 -4.87 -6.73
S05 FFN E . -2.68 -6.47 -6.64
C06 FFN E . -3.67 -6.54 -7.91
C07 FFN E . -3.82 -5.32 -8.42
C08 FFN E . -4.55 -5.22 -9.54
C09 FFN E . -3.98 -4.62 -10.66
C10 FFN E . -4.65 -4.56 -11.87
C11 FFN E . -5.89 -5.13 -12.03
F12 FFN E . -6.54 -5.06 -13.26
C13 FFN E . -6.47 -5.76 -10.94
C14 FFN E . -5.79 -5.82 -9.72
C01 FFN F . 0.79 14.64 2.33
C02 FFN F . 0.40 13.95 1.20
N03 FFN F . -0.85 14.08 0.72
N18 FFN F . 1.29 13.13 0.50
C16 FFN F . 0.85 12.49 -0.67
O17 FFN F . 1.69 11.78 -1.24
C15 FFN F . -0.42 12.66 -1.13
C04 FFN F . -1.24 13.47 -0.40
S05 FFN F . -2.72 13.52 -1.14
C06 FFN F . -2.36 12.53 -2.37
C07 FFN F . -1.08 12.15 -2.21
C08 FFN F . -0.51 11.35 -3.13
C09 FFN F . -0.22 11.92 -4.37
C10 FFN F . 0.39 11.16 -5.38
C11 FFN F . 0.69 9.82 -5.16
F12 FFN F . 1.31 9.04 -6.19
C13 FFN F . 0.40 9.25 -3.93
C14 FFN F . -0.20 10.01 -2.92
#